data_4EUZ
#
_entry.id   4EUZ
#
_cell.length_a   59.060
_cell.length_b   61.910
_cell.length_c   79.010
_cell.angle_alpha   90.00
_cell.angle_beta   90.00
_cell.angle_gamma   90.00
#
_symmetry.space_group_name_H-M   'P 21 21 21'
#
loop_
_entity.id
_entity.type
_entity.pdbx_description
1 polymer 'Carbapenem-hydrolizing beta-lactamase SFC-1'
2 non-polymer '(4R,5S,6S)-3-{[(3S,5S)-5-(dimethylcarbamoyl)pyrrolidin-3-yl]sulfanyl}-6-[(1R)-1-hydroxyethyl]-4-methyl-7-oxo-1-azabicyclo[3.2.0]hept-2-ene-2-carboxylic acid'
3 non-polymer 1,2-ETHANEDIOL
4 non-polymer 'SODIUM ION'
5 water water
#
_entity_poly.entity_id   1
_entity_poly.type   'polypeptide(L)'
_entity_poly.pdbx_seq_one_letter_code
;ASQPPQVTVDKLKRLENDFGGRIGVYAIDTGSNKTFGYRANERFPLCASFKGFLAAAVLSKSQQQEGLLNQRIRYDN
(HAR)VMEPHSPVTEKQITTGMTVAELSAATLQYSDNGAANLLLEKLIGGPEGMTSFMRSIGDNVFRLDRWELELNSAIP
GDDRDTSTPKAVAESMQKLAFGNVLGLTERHQLMDWFKGNTTGGARIRASVPANWVVGDKTGTCGVYGTANDYAVIWPVA
HAPIVLAVYTSKPDRNSKHSDAVIADASRIVLESFNIDALRMATGKSIGF
;
_entity_poly.pdbx_strand_id   A
#
loop_
_chem_comp.id
_chem_comp.type
_chem_comp.name
_chem_comp.formula
EDO non-polymer 1,2-ETHANEDIOL 'C2 H6 O2'
MEM non-polymer '(4R,5S,6S)-3-{[(3S,5S)-5-(dimethylcarbamoyl)pyrrolidin-3-yl]sulfanyl}-6-[(1R)-1-hydroxyethyl]-4-methyl-7-oxo-1-azabicyclo[3.2.0]hept-2-ene-2-carboxylic acid' 'C17 H25 N3 O5 S'
NA non-polymer 'SODIUM ION' 'Na 1'
#
# COMPACT_ATOMS: atom_id res chain seq x y z
N ALA A 1 6.25 -16.40 -23.97
CA ALA A 1 7.17 -16.91 -22.94
C ALA A 1 6.60 -16.87 -21.52
N SER A 2 5.70 -15.98 -21.14
CA SER A 2 4.95 -16.06 -19.90
C SER A 2 3.96 -17.22 -19.81
N GLN A 3 3.62 -17.59 -18.59
CA GLN A 3 2.73 -18.75 -18.35
C GLN A 3 1.32 -18.42 -18.72
N PRO A 4 0.57 -19.41 -19.20
CA PRO A 4 -0.84 -19.14 -19.52
C PRO A 4 -1.57 -18.57 -18.30
N PRO A 5 -2.42 -17.56 -18.50
CA PRO A 5 -3.17 -17.00 -17.35
C PRO A 5 -3.94 -18.05 -16.60
N GLN A 6 -4.53 -19.04 -17.28
CA GLN A 6 -5.31 -20.01 -16.56
C GLN A 6 -4.48 -20.84 -15.63
N VAL A 7 -3.23 -21.13 -16.00
CA VAL A 7 -2.35 -21.87 -15.10
C VAL A 7 -2.18 -21.12 -13.79
N THR A 8 -1.94 -19.82 -13.88
CA THR A 8 -1.74 -18.95 -12.71
C THR A 8 -3.03 -18.91 -11.89
N VAL A 9 -4.18 -18.76 -12.58
CA VAL A 9 -5.50 -18.80 -11.89
C VAL A 9 -5.65 -20.11 -11.17
N ASP A 10 -5.34 -21.21 -11.84
CA ASP A 10 -5.51 -22.53 -11.22
C ASP A 10 -4.72 -22.64 -9.91
N LYS A 11 -3.46 -22.15 -9.94
CA LYS A 11 -2.60 -22.16 -8.77
CA LYS A 11 -2.63 -22.18 -8.77
C LYS A 11 -3.19 -21.31 -7.64
N LEU A 12 -3.66 -20.12 -7.98
CA LEU A 12 -4.22 -19.23 -6.95
C LEU A 12 -5.48 -19.83 -6.35
N LYS A 13 -6.30 -20.46 -7.15
CA LYS A 13 -7.50 -21.05 -6.62
C LYS A 13 -7.16 -22.16 -5.64
N ARG A 14 -6.15 -22.98 -5.93
CA ARG A 14 -5.74 -23.98 -4.97
C ARG A 14 -5.23 -23.35 -3.70
N LEU A 15 -4.47 -22.28 -3.81
CA LEU A 15 -3.96 -21.57 -2.63
C LEU A 15 -5.08 -21.00 -1.80
N GLU A 16 -6.08 -20.40 -2.45
CA GLU A 16 -7.26 -19.92 -1.80
CA GLU A 16 -7.11 -19.81 -1.56
C GLU A 16 -7.97 -20.97 -0.99
N ASN A 17 -8.05 -22.16 -1.56
N ASN A 17 -8.08 -22.14 -1.60
CA ASN A 17 -8.80 -23.20 -0.88
CA ASN A 17 -8.74 -23.30 -0.98
C ASN A 17 -8.03 -23.66 0.35
C ASN A 17 -8.01 -23.61 0.33
N ASP A 18 -6.69 -23.70 0.24
CA ASP A 18 -5.92 -24.04 1.42
CA ASP A 18 -5.81 -23.97 1.36
C ASP A 18 -5.98 -22.96 2.49
N PHE A 19 -6.01 -21.71 2.10
CA PHE A 19 -6.08 -20.55 2.98
C PHE A 19 -7.40 -20.46 3.71
N GLY A 20 -8.48 -20.84 3.03
CA GLY A 20 -9.81 -20.68 3.55
C GLY A 20 -10.34 -19.27 3.44
N GLY A 21 -9.94 -18.55 2.40
CA GLY A 21 -10.42 -17.19 2.18
C GLY A 21 -10.28 -16.81 0.72
N ARG A 22 -10.27 -15.53 0.48
CA ARG A 22 -10.24 -14.84 -0.78
CA ARG A 22 -10.15 -15.04 -0.89
C ARG A 22 -8.85 -14.25 -1.00
N ILE A 23 -8.26 -14.41 -2.17
CA ILE A 23 -7.01 -13.77 -2.55
C ILE A 23 -7.26 -13.01 -3.84
N GLY A 24 -6.97 -11.71 -3.84
CA GLY A 24 -7.04 -10.84 -5.03
C GLY A 24 -5.69 -10.34 -5.35
N VAL A 25 -5.33 -10.33 -6.64
N VAL A 25 -5.29 -10.41 -6.62
CA VAL A 25 -4.04 -9.85 -7.06
CA VAL A 25 -3.94 -9.99 -7.03
C VAL A 25 -4.15 -9.07 -8.38
C VAL A 25 -4.06 -9.20 -8.33
N TYR A 26 -3.14 -8.25 -8.56
CA TYR A 26 -2.94 -7.62 -9.87
C TYR A 26 -1.45 -7.30 -9.98
N ALA A 27 -0.87 -7.63 -11.13
CA ALA A 27 0.53 -7.37 -11.41
C ALA A 27 0.70 -6.75 -12.78
N ILE A 28 1.67 -5.83 -12.86
CA ILE A 28 1.99 -5.10 -14.07
C ILE A 28 3.46 -5.17 -14.35
N ASP A 29 3.87 -5.70 -15.50
N ASP A 29 3.86 -5.73 -15.49
CA ASP A 29 5.24 -5.59 -15.99
CA ASP A 29 5.25 -5.61 -15.96
C ASP A 29 5.40 -4.23 -16.66
C ASP A 29 5.36 -4.24 -16.60
N THR A 30 6.11 -3.33 -16.00
CA THR A 30 6.13 -1.97 -16.52
C THR A 30 6.91 -1.81 -17.80
N GLY A 31 7.68 -2.86 -18.17
CA GLY A 31 8.40 -2.79 -19.43
C GLY A 31 7.63 -3.35 -20.59
N SER A 32 6.88 -4.39 -20.43
CA SER A 32 6.12 -4.97 -21.55
C SER A 32 4.67 -4.58 -21.53
N ASN A 33 4.26 -4.04 -20.41
CA ASN A 33 2.91 -3.73 -20.10
C ASN A 33 2.03 -4.98 -20.01
N LYS A 34 2.58 -6.21 -19.94
CA LYS A 34 1.77 -7.41 -19.66
C LYS A 34 1.24 -7.30 -18.23
N THR A 35 0.02 -7.76 -18.04
CA THR A 35 -0.63 -7.72 -16.73
C THR A 35 -1.22 -9.08 -16.41
N PHE A 36 -1.48 -9.30 -15.13
CA PHE A 36 -2.19 -10.47 -14.64
C PHE A 36 -3.07 -10.06 -13.47
N GLY A 37 -4.29 -10.52 -13.46
CA GLY A 37 -5.17 -10.35 -12.31
C GLY A 37 -5.98 -11.59 -11.99
N TYR A 38 -6.34 -11.67 -10.72
CA TYR A 38 -7.24 -12.74 -10.19
C TYR A 38 -8.07 -12.06 -9.13
N ARG A 39 -9.40 -12.05 -9.23
CA ARG A 39 -10.23 -11.22 -8.38
C ARG A 39 -9.78 -9.76 -8.39
N ALA A 40 -9.24 -9.30 -9.52
CA ALA A 40 -8.55 -8.03 -9.54
C ALA A 40 -9.49 -6.87 -9.36
N ASN A 41 -10.75 -7.01 -9.68
CA ASN A 41 -11.72 -5.92 -9.50
CA ASN A 41 -11.77 -5.98 -9.55
C ASN A 41 -12.65 -6.12 -8.33
N GLU A 42 -12.36 -7.05 -7.46
CA GLU A 42 -13.09 -7.19 -6.22
C GLU A 42 -12.56 -6.26 -5.16
N ARG A 43 -13.44 -5.71 -4.37
CA ARG A 43 -13.03 -4.81 -3.30
C ARG A 43 -12.53 -5.55 -2.09
N PHE A 44 -11.46 -5.07 -1.49
CA PHE A 44 -10.87 -5.54 -0.26
C PHE A 44 -10.63 -4.37 0.66
N PRO A 45 -10.65 -4.58 1.96
CA PRO A 45 -10.25 -3.52 2.89
C PRO A 45 -8.82 -3.11 2.67
N LEU A 46 -8.59 -1.79 2.68
CA LEU A 46 -7.24 -1.23 2.59
C LEU A 46 -6.41 -1.51 3.81
N CYS A 47 -7.03 -1.47 4.98
CA CYS A 47 -6.25 -1.46 6.23
C CYS A 47 -5.20 -0.35 6.13
N ALA A 48 -4.03 -0.57 6.66
CA ALA A 48 -2.98 0.45 6.63
C ALA A 48 -2.42 0.74 5.23
N SER A 49 -2.78 -0.02 4.20
CA SER A 49 -2.07 0.08 2.93
C SER A 49 -2.28 1.46 2.31
N PHE A 50 -3.33 2.19 2.67
CA PHE A 50 -3.51 3.52 2.13
C PHE A 50 -2.38 4.45 2.53
N LYS A 51 -1.64 4.17 3.60
CA LYS A 51 -0.64 5.11 4.09
C LYS A 51 0.47 5.37 3.08
N GLY A 52 0.72 4.39 2.19
CA GLY A 52 1.71 4.68 1.15
C GLY A 52 1.21 5.75 0.21
N PHE A 53 -0.08 5.72 -0.13
CA PHE A 53 -0.70 6.76 -0.94
C PHE A 53 -0.83 8.04 -0.20
N LEU A 54 -1.02 8.02 1.12
CA LEU A 54 -0.99 9.25 1.92
C LEU A 54 0.35 9.93 1.83
N ALA A 55 1.44 9.20 1.91
CA ALA A 55 2.76 9.79 1.73
C ALA A 55 2.88 10.40 0.34
N ALA A 56 2.39 9.72 -0.69
CA ALA A 56 2.39 10.31 -2.03
C ALA A 56 1.59 11.58 -2.08
N ALA A 57 0.44 11.65 -1.44
CA ALA A 57 -0.38 12.85 -1.43
C ALA A 57 0.40 14.03 -0.81
N VAL A 58 1.13 13.76 0.26
CA VAL A 58 1.97 14.78 0.88
C VAL A 58 3.00 15.24 -0.08
N LEU A 59 3.68 14.37 -0.76
CA LEU A 59 4.68 14.78 -1.73
C LEU A 59 4.07 15.60 -2.83
N SER A 60 2.91 15.23 -3.32
CA SER A 60 2.30 16.06 -4.36
CA SER A 60 2.15 16.01 -4.30
C SER A 60 1.99 17.45 -3.85
N LYS A 61 1.54 17.56 -2.62
N LYS A 61 1.57 17.60 -2.60
CA LYS A 61 1.29 18.88 -2.03
CA LYS A 61 1.35 18.91 -1.99
C LYS A 61 2.61 19.64 -1.88
C LYS A 61 2.65 19.70 -1.96
N SER A 62 3.71 19.02 -1.54
CA SER A 62 5.00 19.72 -1.39
C SER A 62 5.55 20.20 -2.71
N GLN A 63 5.14 19.55 -3.80
CA GLN A 63 5.67 19.91 -5.10
C GLN A 63 5.10 21.28 -5.42
N GLN A 64 3.98 21.72 -4.84
CA GLN A 64 3.39 23.04 -5.00
CA GLN A 64 3.42 23.05 -5.03
C GLN A 64 3.63 24.01 -3.85
N GLN A 65 4.12 23.57 -2.72
CA GLN A 65 4.28 24.38 -1.51
CA GLN A 65 4.30 24.39 -1.52
C GLN A 65 5.70 24.19 -1.01
N GLU A 66 6.54 25.13 -1.43
CA GLU A 66 7.95 25.12 -1.22
CA GLU A 66 7.96 25.16 -1.21
C GLU A 66 8.23 25.03 0.29
N GLY A 67 9.02 24.02 0.63
CA GLY A 67 9.49 23.75 1.98
C GLY A 67 8.50 22.98 2.85
N LEU A 68 7.36 22.54 2.34
CA LEU A 68 6.44 21.81 3.18
C LEU A 68 7.02 20.62 3.92
N LEU A 69 7.90 19.87 3.26
CA LEU A 69 8.45 18.66 3.91
C LEU A 69 9.24 18.99 5.15
N ASN A 70 9.80 20.19 5.20
CA ASN A 70 10.60 20.55 6.38
C ASN A 70 9.80 21.17 7.49
N GLN A 71 8.51 21.43 7.31
CA GLN A 71 7.68 22.07 8.32
C GLN A 71 7.55 21.14 9.52
N ARG A 72 7.74 21.70 10.71
CA ARG A 72 7.67 20.94 11.95
C ARG A 72 6.27 21.00 12.54
N ILE A 73 5.72 19.84 12.85
N ILE A 73 5.77 19.83 12.90
CA ILE A 73 4.40 19.70 13.48
CA ILE A 73 4.47 19.62 13.50
C ILE A 73 4.63 19.24 14.90
C ILE A 73 4.59 19.14 14.95
N ARG A 74 3.99 19.93 15.87
CA ARG A 74 4.01 19.56 17.28
C ARG A 74 2.58 19.17 17.68
N TYR A 75 2.51 18.30 18.71
CA TYR A 75 1.25 17.67 19.07
C TYR A 75 1.25 17.35 20.59
N ASP A 76 1.70 18.33 21.35
CA ASP A 76 1.59 18.30 22.82
C ASP A 76 0.13 18.05 23.24
N ASN A 77 0.04 17.12 24.21
CA ASN A 77 -1.20 16.73 24.87
C ASN A 77 -2.20 16.05 23.94
N HAR A 78 -1.78 15.68 22.73
CA HAR A 78 -2.61 14.87 21.81
CA HAR A 78 -2.67 14.89 21.86
C HAR A 78 -2.72 13.45 22.30
O HAR A 78 -1.71 12.87 22.63
CB HAR A 78 -1.87 14.81 20.45
CB HAR A 78 -2.16 15.09 20.42
CG HAR A 78 -2.76 14.18 19.36
CG HAR A 78 -3.07 14.50 19.33
CD HAR A 78 -2.06 14.23 18.03
CD HAR A 78 -2.33 14.65 18.01
NE HAR A 78 -2.82 13.77 16.88
NE HAR A 78 -3.08 14.11 16.88
CZ HAR A 78 -3.16 12.58 16.74
CZ HAR A 78 -3.68 14.84 16.03
NH1 HAR A 78 -3.99 12.23 15.74
NH1 HAR A 78 -4.20 14.24 15.04
NH2 HAR A 78 -2.64 11.60 17.43
NH2 HAR A 78 -3.75 16.09 16.28
OH1 HAR A 78 -2.96 11.64 15.32
OH1 HAR A 78 -4.43 14.48 13.96
N VAL A 79 -3.90 12.86 22.22
CA VAL A 79 -4.03 11.43 22.52
C VAL A 79 -3.61 10.68 21.27
N MET A 80 -2.55 9.90 21.42
CA MET A 80 -1.97 9.17 20.30
CA MET A 80 -1.99 9.18 20.29
C MET A 80 -2.67 7.83 20.12
N GLU A 81 -2.98 7.51 18.88
CA GLU A 81 -3.68 6.30 18.52
C GLU A 81 -2.81 5.09 18.83
N PRO A 82 -3.44 3.94 19.07
CA PRO A 82 -2.67 2.70 19.11
C PRO A 82 -1.83 2.49 17.85
N HIS A 83 -0.68 1.90 18.02
CA HIS A 83 0.31 1.66 16.98
C HIS A 83 0.79 3.00 16.41
N SER A 84 1.49 3.76 17.28
CA SER A 84 2.16 5.01 16.96
C SER A 84 3.62 4.92 17.42
N PRO A 85 4.35 3.96 16.92
CA PRO A 85 5.68 3.68 17.51
C PRO A 85 6.69 4.80 17.32
N VAL A 86 6.57 5.54 16.24
CA VAL A 86 7.49 6.69 16.00
C VAL A 86 6.96 7.96 16.66
N THR A 87 5.72 8.32 16.36
CA THR A 87 5.20 9.57 16.86
C THR A 87 5.12 9.62 18.39
N GLU A 88 4.89 8.52 19.07
CA GLU A 88 4.82 8.57 20.54
C GLU A 88 6.12 8.93 21.15
N LYS A 89 7.23 8.80 20.48
N LYS A 89 7.23 8.79 20.47
CA LYS A 89 8.54 9.13 21.01
CA LYS A 89 8.55 9.08 20.97
C LYS A 89 8.99 10.57 20.76
C LYS A 89 9.07 10.46 20.60
N GLN A 90 8.29 11.25 19.85
CA GLN A 90 8.72 12.54 19.36
C GLN A 90 7.79 13.67 19.79
N ILE A 91 7.10 13.51 20.92
CA ILE A 91 6.20 14.59 21.36
C ILE A 91 6.98 15.85 21.74
N THR A 92 8.09 15.68 22.45
CA THR A 92 8.84 16.83 22.90
C THR A 92 9.50 17.55 21.73
N THR A 93 9.99 16.80 20.73
CA THR A 93 10.69 17.39 19.60
C THR A 93 9.75 17.89 18.50
N GLY A 94 8.55 17.34 18.41
CA GLY A 94 7.78 17.44 17.19
C GLY A 94 8.42 16.58 16.10
N MET A 95 7.78 16.58 14.92
CA MET A 95 8.31 15.89 13.74
C MET A 95 8.07 16.70 12.52
N THR A 96 8.97 16.57 11.54
CA THR A 96 8.69 17.25 10.28
C THR A 96 7.68 16.50 9.47
N VAL A 97 7.10 17.17 8.51
CA VAL A 97 6.15 16.52 7.55
C VAL A 97 6.84 15.38 6.88
N ALA A 98 8.08 15.46 6.45
CA ALA A 98 8.78 14.34 5.86
CA ALA A 98 8.75 14.33 5.85
C ALA A 98 8.90 13.21 6.84
N GLU A 99 9.25 13.49 8.09
CA GLU A 99 9.39 12.43 9.07
C GLU A 99 8.06 11.74 9.35
N LEU A 100 6.97 12.50 9.40
CA LEU A 100 5.63 11.91 9.60
C LEU A 100 5.27 11.03 8.44
N SER A 101 5.56 11.44 7.23
CA SER A 101 5.26 10.67 6.03
C SER A 101 6.03 9.37 6.01
N ALA A 102 7.33 9.44 6.31
CA ALA A 102 8.15 8.25 6.37
C ALA A 102 7.67 7.31 7.45
N ALA A 103 7.28 7.85 8.60
CA ALA A 103 6.82 7.03 9.70
C ALA A 103 5.54 6.32 9.38
N THR A 104 4.58 7.02 8.79
CA THR A 104 3.29 6.39 8.49
C THR A 104 3.46 5.27 7.47
N LEU A 105 4.34 5.50 6.45
CA LEU A 105 4.57 4.47 5.46
C LEU A 105 5.38 3.31 6.07
N GLN A 106 6.53 3.62 6.70
CA GLN A 106 7.51 2.60 7.02
C GLN A 106 7.26 1.83 8.29
N TYR A 107 6.49 2.41 9.18
CA TYR A 107 6.11 1.82 10.45
C TYR A 107 4.61 1.66 10.61
N SER A 108 3.84 2.11 9.64
CA SER A 108 2.39 2.06 9.70
C SER A 108 1.85 2.93 10.85
N ASP A 109 2.56 4.00 11.20
CA ASP A 109 2.24 4.80 12.39
C ASP A 109 0.93 5.51 12.25
N ASN A 110 -0.01 5.21 13.15
CA ASN A 110 -1.36 5.77 13.10
C ASN A 110 -1.43 7.20 13.55
N GLY A 111 -0.66 7.56 14.57
CA GLY A 111 -0.59 8.95 14.95
C GLY A 111 -0.15 9.82 13.75
N ALA A 112 0.86 9.36 13.05
CA ALA A 112 1.34 10.08 11.88
C ALA A 112 0.29 10.17 10.80
N ALA A 113 -0.42 9.06 10.55
CA ALA A 113 -1.48 9.06 9.52
C ALA A 113 -2.53 10.08 9.85
N ASN A 114 -3.06 10.07 11.08
CA ASN A 114 -4.12 10.99 11.40
C ASN A 114 -3.61 12.44 11.48
N LEU A 115 -2.37 12.68 11.89
CA LEU A 115 -1.82 14.02 11.88
C LEU A 115 -1.78 14.56 10.46
N LEU A 116 -1.30 13.73 9.51
CA LEU A 116 -1.21 14.20 8.14
C LEU A 116 -2.57 14.40 7.51
N LEU A 117 -3.52 13.47 7.77
CA LEU A 117 -4.86 13.61 7.29
C LEU A 117 -5.51 14.87 7.88
N GLU A 118 -5.31 15.14 9.16
CA GLU A 118 -5.94 16.32 9.78
C GLU A 118 -5.33 17.60 9.25
N LYS A 119 -4.00 17.68 9.23
CA LYS A 119 -3.29 18.96 9.11
C LYS A 119 -2.92 19.31 7.70
N LEU A 120 -2.76 18.33 6.80
N LEU A 120 -2.82 18.34 6.78
CA LEU A 120 -2.28 18.55 5.44
CA LEU A 120 -2.46 18.67 5.40
C LEU A 120 -3.23 18.08 4.35
C LEU A 120 -3.45 18.18 4.37
N ILE A 121 -3.88 16.92 4.45
CA ILE A 121 -4.53 16.27 3.31
C ILE A 121 -6.02 16.43 3.29
N GLY A 122 -6.65 16.79 4.39
CA GLY A 122 -8.08 17.07 4.35
C GLY A 122 -8.93 15.86 4.66
N GLY A 123 -8.47 15.04 5.61
CA GLY A 123 -9.29 13.93 6.06
C GLY A 123 -9.41 12.80 5.06
N PRO A 124 -10.20 11.78 5.39
CA PRO A 124 -10.50 10.70 4.41
C PRO A 124 -11.01 11.25 3.10
N GLU A 125 -11.83 12.29 3.16
N GLU A 125 -11.84 12.30 3.12
CA GLU A 125 -12.31 12.86 1.91
CA GLU A 125 -12.35 12.87 1.86
C GLU A 125 -11.18 13.42 1.06
C GLU A 125 -11.20 13.44 1.04
N GLY A 126 -10.25 14.11 1.68
CA GLY A 126 -9.11 14.66 0.97
C GLY A 126 -8.19 13.58 0.41
N MET A 127 -8.01 12.50 1.17
CA MET A 127 -7.22 11.35 0.68
C MET A 127 -7.85 10.83 -0.56
N THR A 128 -9.18 10.63 -0.52
CA THR A 128 -9.90 10.09 -1.68
C THR A 128 -9.79 11.04 -2.84
N SER A 129 -9.92 12.35 -2.60
CA SER A 129 -9.82 13.28 -3.74
CA SER A 129 -9.77 13.36 -3.65
CA SER A 129 -9.77 13.35 -3.65
C SER A 129 -8.42 13.28 -4.33
N PHE A 130 -7.35 13.08 -3.55
CA PHE A 130 -6.05 12.93 -4.17
C PHE A 130 -6.05 11.75 -5.12
N MET A 131 -6.59 10.60 -4.70
CA MET A 131 -6.60 9.44 -5.57
C MET A 131 -7.44 9.70 -6.83
N ARG A 132 -8.59 10.39 -6.69
CA ARG A 132 -9.34 10.78 -7.88
C ARG A 132 -8.50 11.63 -8.82
N SER A 133 -7.67 12.52 -8.26
CA SER A 133 -6.88 13.41 -9.06
C SER A 133 -5.81 12.72 -9.89
N ILE A 134 -5.43 11.51 -9.55
CA ILE A 134 -4.54 10.69 -10.33
C ILE A 134 -5.28 9.68 -11.18
N GLY A 135 -6.60 9.83 -11.30
CA GLY A 135 -7.38 8.93 -12.14
C GLY A 135 -7.76 7.61 -11.50
N ASP A 136 -7.71 7.49 -10.17
CA ASP A 136 -8.15 6.27 -9.48
C ASP A 136 -9.56 6.56 -9.02
N ASN A 137 -10.50 5.96 -9.72
CA ASN A 137 -11.92 6.09 -9.45
C ASN A 137 -12.51 5.02 -8.56
N VAL A 138 -11.66 4.19 -8.04
CA VAL A 138 -12.05 3.01 -7.25
C VAL A 138 -11.77 3.19 -5.76
N PHE A 139 -10.57 3.65 -5.45
CA PHE A 139 -10.17 3.85 -4.05
C PHE A 139 -11.23 4.66 -3.30
N ARG A 140 -11.48 4.30 -2.06
CA ARG A 140 -12.22 5.19 -1.16
C ARG A 140 -11.70 5.01 0.25
N LEU A 141 -11.40 6.14 0.88
CA LEU A 141 -11.13 6.21 2.32
C LEU A 141 -12.28 7.04 2.91
N ASP A 142 -12.93 6.47 3.90
CA ASP A 142 -14.12 6.99 4.51
C ASP A 142 -13.93 7.38 5.97
N ARG A 143 -13.08 6.70 6.67
CA ARG A 143 -12.89 6.84 8.12
C ARG A 143 -11.44 7.14 8.43
N TRP A 144 -11.21 7.60 9.67
CA TRP A 144 -9.91 7.88 10.21
C TRP A 144 -9.34 6.59 10.84
N GLU A 145 -8.03 6.63 11.17
CA GLU A 145 -7.46 5.54 11.96
C GLU A 145 -8.08 5.59 13.35
N LEU A 146 -8.43 4.46 14.01
CA LEU A 146 -8.32 3.09 13.54
C LEU A 146 -9.63 2.54 13.03
N GLU A 147 -10.71 3.35 12.99
CA GLU A 147 -11.99 2.82 12.61
C GLU A 147 -11.98 2.28 11.20
N LEU A 148 -11.13 2.76 10.33
CA LEU A 148 -11.07 2.27 8.94
C LEU A 148 -10.67 0.80 8.84
N ASN A 149 -10.19 0.17 9.90
CA ASN A 149 -9.72 -1.20 9.86
C ASN A 149 -10.79 -2.26 10.14
N SER A 150 -12.07 -1.91 10.23
CA SER A 150 -13.08 -2.91 10.66
C SER A 150 -13.26 -4.05 9.72
N ALA A 151 -13.05 -3.89 8.43
CA ALA A 151 -12.94 -4.98 7.45
C ALA A 151 -14.20 -5.84 7.41
N ILE A 152 -15.36 -5.29 7.58
CA ILE A 152 -16.60 -6.07 7.60
C ILE A 152 -16.93 -6.54 6.20
N PRO A 153 -17.19 -7.82 5.95
CA PRO A 153 -17.55 -8.26 4.58
C PRO A 153 -18.74 -7.50 4.06
N GLY A 154 -18.65 -7.04 2.82
CA GLY A 154 -19.73 -6.32 2.19
C GLY A 154 -19.76 -4.85 2.43
N ASP A 155 -18.93 -4.35 3.31
CA ASP A 155 -18.84 -2.93 3.60
C ASP A 155 -17.81 -2.31 2.69
N ASP A 156 -18.25 -1.40 1.81
CA ASP A 156 -17.30 -0.82 0.85
C ASP A 156 -16.54 0.33 1.41
N ARG A 157 -16.77 0.77 2.62
CA ARG A 157 -15.97 1.83 3.18
C ARG A 157 -14.51 1.39 3.26
N ASP A 158 -13.59 2.31 2.97
CA ASP A 158 -12.15 2.06 3.22
C ASP A 158 -11.66 0.88 2.45
N THR A 159 -12.05 0.78 1.17
CA THR A 159 -11.67 -0.30 0.29
C THR A 159 -11.08 0.24 -1.01
N SER A 160 -10.34 -0.70 -1.68
CA SER A 160 -9.98 -0.52 -3.10
C SER A 160 -9.97 -1.91 -3.71
N THR A 161 -9.46 -2.01 -4.95
CA THR A 161 -9.28 -3.27 -5.60
C THR A 161 -7.84 -3.50 -5.88
N PRO A 162 -7.38 -4.74 -6.03
CA PRO A 162 -5.96 -4.99 -6.36
C PRO A 162 -5.54 -4.25 -7.61
N LYS A 163 -6.41 -4.26 -8.65
N LYS A 163 -6.42 -4.26 -8.63
CA LYS A 163 -6.04 -3.57 -9.87
CA LYS A 163 -6.12 -3.59 -9.87
C LYS A 163 -5.87 -2.08 -9.64
C LYS A 163 -5.89 -2.11 -9.66
N ALA A 164 -6.78 -1.44 -8.92
CA ALA A 164 -6.63 -0.01 -8.71
C ALA A 164 -5.41 0.32 -7.88
N VAL A 165 -5.12 -0.47 -6.86
CA VAL A 165 -3.95 -0.28 -6.04
C VAL A 165 -2.69 -0.36 -6.91
N ALA A 166 -2.58 -1.44 -7.70
CA ALA A 166 -1.39 -1.60 -8.56
C ALA A 166 -1.32 -0.48 -9.60
N GLU A 167 -2.44 -0.16 -10.25
CA GLU A 167 -2.40 0.91 -11.26
C GLU A 167 -1.96 2.24 -10.65
N SER A 168 -2.47 2.57 -9.45
CA SER A 168 -2.10 3.84 -8.81
C SER A 168 -0.65 3.80 -8.40
N MET A 169 -0.14 2.66 -7.86
CA MET A 169 1.29 2.56 -7.54
C MET A 169 2.11 2.79 -8.77
N GLN A 170 1.74 2.20 -9.91
CA GLN A 170 2.50 2.40 -11.14
C GLN A 170 2.54 3.86 -11.55
N LYS A 171 1.39 4.53 -11.50
CA LYS A 171 1.34 5.96 -11.87
C LYS A 171 2.25 6.80 -10.99
N LEU A 172 2.18 6.57 -9.66
CA LEU A 172 2.97 7.34 -8.73
C LEU A 172 4.45 7.08 -8.85
N ALA A 173 4.83 5.80 -9.03
CA ALA A 173 6.23 5.44 -9.10
C ALA A 173 6.90 5.86 -10.38
N PHE A 174 6.19 5.73 -11.50
CA PHE A 174 6.80 5.82 -12.82
C PHE A 174 6.14 6.79 -13.76
N GLY A 175 4.95 7.27 -13.48
CA GLY A 175 4.24 8.17 -14.33
C GLY A 175 4.59 9.60 -14.06
N ASN A 176 3.71 10.51 -14.47
N ASN A 176 3.71 10.49 -14.55
CA ASN A 176 4.17 11.88 -14.30
CA ASN A 176 3.91 11.93 -14.59
C ASN A 176 3.41 12.67 -13.26
C ASN A 176 3.23 12.67 -13.46
N VAL A 177 2.50 11.99 -12.55
CA VAL A 177 1.67 12.67 -11.58
C VAL A 177 2.54 13.25 -10.47
N LEU A 178 3.72 12.75 -10.16
CA LEU A 178 4.72 13.31 -9.27
C LEU A 178 5.98 13.73 -10.07
N GLY A 179 6.72 14.82 -9.64
CA GLY A 179 7.97 15.16 -10.23
C GLY A 179 9.11 14.23 -9.91
N LEU A 180 10.30 14.37 -10.52
CA LEU A 180 11.43 13.45 -10.31
CA LEU A 180 11.39 13.47 -10.29
C LEU A 180 11.80 13.42 -8.86
N THR A 181 11.94 14.59 -8.22
CA THR A 181 12.37 14.58 -6.82
C THR A 181 11.37 13.78 -5.97
N GLU A 182 10.09 14.01 -6.25
CA GLU A 182 9.01 13.39 -5.46
C GLU A 182 8.91 11.89 -5.71
N ARG A 183 9.01 11.46 -6.95
N ARG A 183 8.99 11.44 -6.97
CA ARG A 183 9.10 10.04 -7.19
CA ARG A 183 9.00 10.02 -7.29
C ARG A 183 10.22 9.39 -6.43
C ARG A 183 10.23 9.37 -6.67
N HIS A 184 11.41 9.98 -6.60
CA HIS A 184 12.57 9.39 -5.98
C HIS A 184 12.31 9.30 -4.48
N GLN A 185 11.80 10.32 -3.87
CA GLN A 185 11.58 10.28 -2.43
C GLN A 185 10.55 9.23 -2.08
N LEU A 186 9.48 9.12 -2.86
CA LEU A 186 8.45 8.13 -2.55
C LEU A 186 9.04 6.71 -2.62
N MET A 187 9.80 6.45 -3.67
CA MET A 187 10.43 5.13 -3.84
CA MET A 187 10.30 5.05 -3.76
C MET A 187 11.38 4.81 -2.72
N ASP A 188 12.16 5.82 -2.28
N ASP A 188 12.17 5.81 -2.30
CA ASP A 188 13.07 5.59 -1.16
CA ASP A 188 13.08 5.64 -1.17
C ASP A 188 12.27 5.18 0.07
C ASP A 188 12.30 5.21 0.08
N TRP A 189 11.16 5.90 0.30
CA TRP A 189 10.36 5.55 1.46
C TRP A 189 9.81 4.14 1.39
N PHE A 190 9.24 3.73 0.24
CA PHE A 190 8.73 2.37 0.11
C PHE A 190 9.86 1.37 0.28
N LYS A 191 11.04 1.62 -0.26
CA LYS A 191 12.16 0.69 -0.10
CA LYS A 191 12.15 0.68 -0.11
C LYS A 191 12.54 0.48 1.34
N GLY A 192 12.36 1.51 2.17
CA GLY A 192 12.68 1.41 3.59
C GLY A 192 11.57 0.94 4.48
N ASN A 193 10.47 0.45 3.92
CA ASN A 193 9.40 -0.09 4.76
C ASN A 193 9.94 -1.20 5.66
N THR A 194 9.46 -1.26 6.91
CA THR A 194 9.94 -2.22 7.88
C THR A 194 8.96 -3.32 8.23
N THR A 195 7.74 -3.29 7.69
CA THR A 195 6.68 -4.20 8.12
C THR A 195 6.39 -5.33 7.15
N GLY A 196 7.14 -5.41 6.04
CA GLY A 196 6.81 -6.31 4.96
C GLY A 196 7.69 -7.52 4.76
N GLY A 197 8.56 -7.81 5.71
CA GLY A 197 9.53 -8.88 5.48
C GLY A 197 8.95 -10.23 5.23
N ALA A 198 7.73 -10.53 5.71
CA ALA A 198 7.16 -11.85 5.58
C ALA A 198 6.15 -11.94 4.42
N ARG A 199 6.03 -10.89 3.61
CA ARG A 199 4.99 -10.80 2.56
C ARG A 199 5.63 -10.79 1.20
N ILE A 200 5.45 -9.77 0.36
CA ILE A 200 6.01 -9.78 -0.97
C ILE A 200 7.53 -9.96 -0.91
N ARG A 201 8.21 -9.31 0.02
CA ARG A 201 9.66 -9.46 0.15
C ARG A 201 10.09 -10.92 0.32
N ALA A 202 9.27 -11.74 0.98
CA ALA A 202 9.58 -13.14 1.24
C ALA A 202 9.38 -14.01 -0.01
N SER A 203 8.91 -13.48 -1.10
CA SER A 203 8.62 -14.20 -2.32
C SER A 203 9.66 -14.05 -3.42
N VAL A 204 10.64 -13.19 -3.22
CA VAL A 204 11.60 -12.88 -4.24
C VAL A 204 13.00 -13.21 -3.79
N PRO A 205 13.87 -13.48 -4.78
CA PRO A 205 15.25 -13.67 -4.49
C PRO A 205 15.79 -12.46 -3.69
N ALA A 206 16.75 -12.74 -2.86
CA ALA A 206 17.30 -11.75 -1.96
CA ALA A 206 17.45 -11.85 -1.98
C ALA A 206 18.11 -10.69 -2.71
N ASN A 207 18.51 -10.84 -3.97
CA ASN A 207 19.18 -9.71 -4.62
C ASN A 207 18.22 -8.84 -5.41
N TRP A 208 16.93 -9.12 -5.42
CA TRP A 208 15.92 -8.19 -5.95
C TRP A 208 15.71 -7.10 -4.92
N VAL A 209 15.34 -5.92 -5.39
CA VAL A 209 14.97 -4.80 -4.51
C VAL A 209 13.47 -4.63 -4.51
N VAL A 210 12.93 -4.35 -3.33
CA VAL A 210 11.48 -4.21 -3.15
C VAL A 210 11.21 -2.94 -2.39
N GLY A 211 10.16 -2.24 -2.79
CA GLY A 211 9.53 -1.20 -1.99
C GLY A 211 8.08 -1.60 -1.77
N ASP A 212 7.55 -1.54 -0.56
CA ASP A 212 6.22 -2.06 -0.32
C ASP A 212 5.53 -1.30 0.82
N LYS A 213 4.20 -1.48 0.89
CA LYS A 213 3.41 -1.07 2.04
C LYS A 213 2.40 -2.19 2.34
N THR A 214 2.36 -2.58 3.60
CA THR A 214 1.44 -3.59 4.10
C THR A 214 0.16 -2.99 4.65
N GLY A 215 -0.79 -3.90 4.90
CA GLY A 215 -1.99 -3.58 5.68
C GLY A 215 -2.38 -4.86 6.46
N THR A 216 -2.78 -4.67 7.72
CA THR A 216 -3.13 -5.81 8.59
C THR A 216 -4.28 -5.38 9.48
N CYS A 217 -5.51 -5.56 9.05
CA CYS A 217 -6.67 -5.07 9.78
C CYS A 217 -6.87 -5.67 11.17
N GLY A 218 -6.44 -6.87 11.39
CA GLY A 218 -6.52 -7.55 12.68
C GLY A 218 -7.78 -8.30 12.93
N VAL A 219 -8.66 -8.44 11.95
CA VAL A 219 -9.93 -9.11 11.99
C VAL A 219 -10.22 -9.69 10.61
N TYR A 220 -11.14 -10.66 10.56
CA TYR A 220 -11.61 -11.22 9.31
C TYR A 220 -10.45 -11.71 8.44
N GLY A 221 -9.39 -12.21 9.06
CA GLY A 221 -8.27 -12.74 8.33
C GLY A 221 -7.73 -11.81 7.25
N THR A 222 -7.84 -10.50 7.45
CA THR A 222 -7.67 -9.50 6.38
C THR A 222 -6.31 -8.84 6.46
N ALA A 223 -5.54 -8.97 5.38
CA ALA A 223 -4.18 -8.42 5.29
C ALA A 223 -3.79 -8.30 3.83
N ASN A 224 -2.79 -7.47 3.57
CA ASN A 224 -2.44 -7.17 2.20
C ASN A 224 -1.01 -6.63 2.14
N ASP A 225 -0.53 -6.48 0.91
CA ASP A 225 0.76 -5.86 0.63
C ASP A 225 0.75 -5.42 -0.82
N TYR A 226 1.34 -4.30 -1.12
CA TYR A 226 1.58 -3.92 -2.53
C TYR A 226 2.98 -3.37 -2.64
N ALA A 227 3.54 -3.44 -3.85
CA ALA A 227 4.97 -3.23 -4.01
C ALA A 227 5.35 -2.87 -5.41
N VAL A 228 6.52 -2.22 -5.49
CA VAL A 228 7.35 -2.21 -6.71
C VAL A 228 8.50 -3.16 -6.46
N ILE A 229 8.74 -4.05 -7.42
CA ILE A 229 9.78 -5.06 -7.36
C ILE A 229 10.74 -4.83 -8.53
N TRP A 230 12.02 -4.69 -8.22
CA TRP A 230 13.07 -4.52 -9.25
C TRP A 230 13.85 -5.82 -9.35
N PRO A 231 13.53 -6.68 -10.34
CA PRO A 231 14.32 -7.90 -10.53
C PRO A 231 15.67 -7.52 -11.12
N VAL A 232 16.64 -8.37 -11.13
CA VAL A 232 17.93 -8.11 -11.74
C VAL A 232 17.74 -7.91 -13.25
N ALA A 233 18.20 -6.80 -13.77
CA ALA A 233 18.19 -6.34 -15.19
C ALA A 233 16.88 -6.51 -15.90
N HIS A 234 15.76 -6.36 -15.19
CA HIS A 234 14.44 -6.43 -15.80
C HIS A 234 13.67 -5.19 -15.35
N ALA A 235 12.70 -4.84 -16.15
CA ALA A 235 11.84 -3.73 -15.80
C ALA A 235 11.16 -3.99 -14.47
N PRO A 236 10.89 -2.97 -13.71
CA PRO A 236 10.12 -3.22 -12.47
C PRO A 236 8.75 -3.77 -12.70
N ILE A 237 8.32 -4.57 -11.71
CA ILE A 237 7.01 -5.17 -11.62
CA ILE A 237 6.97 -5.11 -11.69
C ILE A 237 6.25 -4.49 -10.50
N VAL A 238 4.99 -4.11 -10.76
CA VAL A 238 4.12 -3.59 -9.72
C VAL A 238 3.16 -4.68 -9.33
N LEU A 239 2.97 -4.95 -8.05
CA LEU A 239 2.16 -6.06 -7.59
C LEU A 239 1.33 -5.63 -6.40
N ALA A 240 0.05 -5.99 -6.40
CA ALA A 240 -0.85 -5.86 -5.26
C ALA A 240 -1.42 -7.24 -4.90
N VAL A 241 -1.41 -7.54 -3.62
CA VAL A 241 -1.94 -8.80 -3.08
C VAL A 241 -2.81 -8.47 -1.87
N TYR A 242 -4.09 -8.74 -1.96
CA TYR A 242 -5.10 -8.47 -0.91
C TYR A 242 -5.78 -9.78 -0.54
N THR A 243 -6.05 -9.94 0.76
CA THR A 243 -6.67 -11.15 1.25
C THR A 243 -7.73 -10.83 2.31
N SER A 244 -8.70 -11.74 2.45
CA SER A 244 -9.70 -11.69 3.48
C SER A 244 -10.26 -13.09 3.72
N LYS A 245 -10.88 -13.23 4.86
N LYS A 245 -10.88 -13.27 4.87
CA LYS A 245 -11.52 -14.52 5.25
CA LYS A 245 -11.53 -14.56 5.20
C LYS A 245 -12.93 -14.26 5.72
C LYS A 245 -12.92 -14.28 5.73
N PRO A 246 -13.87 -15.18 5.59
CA PRO A 246 -15.25 -14.90 6.02
C PRO A 246 -15.42 -14.80 7.51
N ASP A 247 -14.60 -15.48 8.30
N ASP A 247 -14.60 -15.45 8.32
CA ASP A 247 -14.98 -15.43 9.71
CA ASP A 247 -14.71 -15.57 9.76
C ASP A 247 -14.17 -14.34 10.44
C ASP A 247 -14.13 -14.35 10.46
N ARG A 248 -14.93 -13.58 11.21
CA ARG A 248 -14.44 -12.46 12.01
C ARG A 248 -13.19 -12.84 12.81
N ASN A 249 -13.22 -14.06 13.37
CA ASN A 249 -12.22 -14.48 14.33
C ASN A 249 -11.07 -15.24 13.75
N SER A 250 -10.97 -15.30 12.43
N SER A 250 -10.93 -15.24 12.43
CA SER A 250 -9.82 -15.98 11.84
CA SER A 250 -9.84 -15.86 11.70
C SER A 250 -8.64 -15.02 11.83
C SER A 250 -8.62 -14.94 11.58
N LYS A 251 -7.44 -15.55 11.69
CA LYS A 251 -6.21 -14.81 11.57
C LYS A 251 -5.80 -14.69 10.11
N HIS A 252 -5.11 -13.58 9.82
CA HIS A 252 -4.50 -13.47 8.50
C HIS A 252 -3.31 -14.38 8.37
N SER A 253 -2.78 -14.50 7.16
CA SER A 253 -1.62 -15.32 6.88
C SER A 253 -0.60 -14.55 6.05
N ASP A 254 0.55 -14.25 6.65
CA ASP A 254 1.68 -13.70 5.88
C ASP A 254 2.11 -14.64 4.78
N ALA A 255 2.21 -15.93 5.16
CA ALA A 255 2.70 -16.94 4.20
C ALA A 255 1.83 -17.04 2.93
N VAL A 256 0.52 -16.92 3.09
CA VAL A 256 -0.36 -16.97 1.93
C VAL A 256 -0.10 -15.78 1.00
N ILE A 257 0.19 -14.60 1.56
CA ILE A 257 0.51 -13.43 0.74
C ILE A 257 1.82 -13.64 0.00
N ALA A 258 2.83 -14.16 0.72
CA ALA A 258 4.13 -14.46 0.08
C ALA A 258 3.93 -15.51 -1.02
N ASP A 259 3.14 -16.55 -0.77
CA ASP A 259 2.97 -17.62 -1.74
C ASP A 259 2.22 -17.13 -2.96
N ALA A 260 1.19 -16.28 -2.77
CA ALA A 260 0.45 -15.70 -3.87
C ALA A 260 1.36 -14.85 -4.73
N SER A 261 2.18 -14.02 -4.06
N SER A 261 2.17 -14.01 -4.06
CA SER A 261 3.15 -13.17 -4.75
CA SER A 261 3.14 -13.21 -4.77
C SER A 261 4.12 -14.00 -5.58
C SER A 261 4.03 -14.07 -5.64
N ARG A 262 4.62 -15.10 -5.01
CA ARG A 262 5.54 -15.95 -5.75
C ARG A 262 4.89 -16.52 -7.00
N ILE A 263 3.64 -17.02 -6.86
CA ILE A 263 2.90 -17.59 -8.00
C ILE A 263 2.80 -16.55 -9.12
N VAL A 264 2.38 -15.34 -8.73
CA VAL A 264 2.15 -14.30 -9.75
C VAL A 264 3.46 -13.90 -10.39
N LEU A 265 4.51 -13.68 -9.59
CA LEU A 265 5.77 -13.26 -10.18
C LEU A 265 6.37 -14.31 -11.07
N GLU A 266 6.27 -15.56 -10.63
CA GLU A 266 6.80 -16.66 -11.48
C GLU A 266 6.10 -16.73 -12.81
N SER A 267 4.85 -16.28 -12.89
CA SER A 267 4.09 -16.37 -14.12
C SER A 267 4.64 -15.50 -15.26
N PHE A 268 5.41 -14.49 -14.90
CA PHE A 268 6.03 -13.60 -15.90
C PHE A 268 7.29 -14.20 -16.51
N ASN A 269 7.83 -15.28 -15.93
CA ASN A 269 8.97 -16.01 -16.48
CA ASN A 269 8.99 -16.03 -16.41
C ASN A 269 10.11 -15.03 -16.73
N ILE A 270 10.42 -14.15 -15.80
CA ILE A 270 11.48 -13.16 -15.86
C ILE A 270 12.83 -13.86 -15.93
C24 MEM B . 7.42 -6.90 11.02
N23 MEM B . 6.35 -6.78 12.06
C25 MEM B . 5.89 -8.02 12.74
C22 MEM B . 5.84 -5.58 12.24
O26 MEM B . 6.30 -4.64 11.58
C20 MEM B . 4.72 -5.38 13.26
C21 MEM B . 3.37 -5.96 12.95
N19 MEM B . 4.50 -3.95 13.44
C18 MEM B . 3.35 -3.60 12.64
C17 MEM B . 2.40 -4.80 12.83
S16 MEM B . 1.44 -5.07 11.29
C2 MEM B . 0.33 -3.73 11.29
C1 MEM B . -0.43 -3.24 12.50
C10 MEM B . -1.22 -4.41 13.15
C5 MEM B . -1.19 -2.02 11.96
C6 MEM B . -2.70 -2.09 11.73
C8 MEM B . -3.61 -1.02 12.31
C9 MEM B . -3.63 -1.08 13.83
O13 MEM B . -3.11 0.29 11.94
C7 MEM B . -2.36 -2.12 10.28
O12 MEM B . -2.99 -2.28 9.23
N4 MEM B . -1.02 -2.11 10.52
C3 MEM B . -0.01 -2.99 10.19
C11 MEM B . 0.52 -3.17 8.80
O15 MEM B . 0.65 -2.09 8.15
O14 MEM B . 0.83 -4.28 8.35
C1 EDO C . 1.92 -13.28 -16.74
O1 EDO C . 0.96 -13.62 -15.79
C2 EDO C . 1.32 -12.34 -17.74
O2 EDO C . 0.34 -13.03 -18.54
C1 EDO D . -8.79 3.51 -12.13
O1 EDO D . -10.06 3.92 -11.69
C2 EDO D . -8.31 2.49 -11.12
O2 EDO D . -6.93 2.26 -11.43
C1 EDO E . -12.53 -10.29 -11.20
O1 EDO E . -12.54 -9.33 -10.16
C2 EDO E . -12.43 -9.56 -12.54
O2 EDO E . -11.19 -8.89 -12.63
C1 EDO F . 13.73 14.05 15.18
O1 EDO F . 13.74 13.19 14.04
C2 EDO F . 12.38 14.74 15.33
O2 EDO F . 12.27 15.81 14.36
NA NA G . 9.06 17.64 -2.77
NA NA H . -15.63 -9.98 1.86
NA NA I . 10.27 9.06 10.20
NA NA J . -13.14 -2.15 4.32
NA NA K . -10.93 -1.11 14.36
NA NA L . 3.33 -25.76 -13.74
NA NA M . -0.85 -19.75 6.60
#